data_5Y8N
#
_entry.id   5Y8N
#
_cell.length_a   129.160
_cell.length_b   129.160
_cell.length_c   70.430
_cell.angle_alpha   90.00
_cell.angle_beta   90.00
_cell.angle_gamma   120.00
#
_symmetry.space_group_name_H-M   'P 65'
#
loop_
_entity.id
_entity.type
_entity.pdbx_description
1 polymer 'Probable 3-hydroxyisobutyrate dehydrogenase'
2 non-polymer NICOTINAMIDE-ADENINE-DINUCLEOTIDE
3 non-polymer SERINE
4 non-polymer GLYCEROL
5 non-polymer 'ACRYLIC ACID'
6 non-polymer '(2~{S})-2-methylpentanedioic acid'
7 water water
#
_entity_poly.entity_id   1
_entity_poly.type   'polypeptide(L)'
_entity_poly.pdbx_seq_one_letter_code
;MMTTIAFLGLGNMGAPMSANLVGAGHVVRGFDPAPTAASGAAAHGVAVFRSAPEAVAEADVVITMLPTGEVVRRCYTDVL
AAARPATLFIDSSTISVTDAREVHALAESHGMLQLDAPVSGGVKGAAAATLAFMVGGDESTLRRARPVLEPMAGKIIHCG
AAGAGQAAKVCNNMVLAVQQIAIAEAFVLAEKLGLSAQSLFDVITGATGNCWAVHTNCPVPGPVPTSPANNDFKPGFSTA
LMNKDLGLAMDAVAATGATAPLGSHAADIYAKFAADHADLDFSAVIHTLRARADA
;
_entity_poly.pdbx_strand_id   A,B
#
loop_
_chem_comp.id
_chem_comp.type
_chem_comp.name
_chem_comp.formula
9ON non-polymer '(2~{S})-2-methylpentanedioic acid' 'C6 H10 O4'
AKR non-polymer 'ACRYLIC ACID' 'C3 H4 O2'
GOL non-polymer GLYCEROL 'C3 H8 O3'
NAD non-polymer NICOTINAMIDE-ADENINE-DINUCLEOTIDE 'C21 H27 N7 O14 P2'
#
# COMPACT_ATOMS: atom_id res chain seq x y z
N THR A 3 18.02 13.16 35.45
CA THR A 3 18.61 13.61 34.16
C THR A 3 18.11 15.02 33.80
N THR A 4 19.04 15.96 33.68
CA THR A 4 18.74 17.31 33.20
C THR A 4 18.74 17.31 31.67
N ILE A 5 17.73 17.93 31.08
CA ILE A 5 17.49 17.86 29.63
C ILE A 5 17.33 19.26 29.05
N ALA A 6 18.20 19.64 28.12
CA ALA A 6 18.01 20.85 27.34
C ALA A 6 17.05 20.50 26.19
N PHE A 7 16.04 21.35 25.96
CA PHE A 7 15.10 21.16 24.86
C PHE A 7 15.06 22.42 24.02
N LEU A 8 15.54 22.28 22.77
CA LEU A 8 15.68 23.41 21.85
C LEU A 8 14.67 23.26 20.72
N GLY A 9 13.73 24.20 20.65
CA GLY A 9 12.58 24.11 19.74
C GLY A 9 11.36 23.59 20.49
N LEU A 10 10.53 24.51 20.95
CA LEU A 10 9.39 24.24 21.81
C LEU A 10 8.08 24.59 21.10
N GLY A 11 7.97 24.16 19.84
CA GLY A 11 6.80 24.46 19.01
C GLY A 11 5.72 23.40 19.15
N ASN A 12 4.94 23.22 18.09
CA ASN A 12 3.79 22.31 18.08
C ASN A 12 4.13 20.89 18.56
N MET A 13 5.32 20.42 18.20
CA MET A 13 5.82 19.12 18.66
C MET A 13 6.67 19.23 19.92
N GLY A 14 7.61 20.17 19.91
CA GLY A 14 8.54 20.38 21.01
C GLY A 14 7.92 20.69 22.36
N ALA A 15 6.81 21.41 22.35
CA ALA A 15 6.09 21.77 23.59
C ALA A 15 5.47 20.55 24.31
N PRO A 16 4.57 19.79 23.66
CA PRO A 16 4.02 18.61 24.34
C PRO A 16 5.04 17.53 24.72
N MET A 17 6.09 17.38 23.92
CA MET A 17 7.19 16.45 24.21
C MET A 17 7.90 16.86 25.50
N SER A 18 8.21 18.15 25.64
CA SER A 18 8.90 18.65 26.82
C SER A 18 8.06 18.57 28.09
N ALA A 19 6.76 18.78 27.95
CA ALA A 19 5.81 18.63 29.08
C ALA A 19 5.80 17.19 29.63
N ASN A 20 5.84 16.21 28.73
CA ASN A 20 5.90 14.81 29.06
C ASN A 20 7.18 14.45 29.80
N LEU A 21 8.30 15.04 29.40
CA LEU A 21 9.57 14.86 30.09
C LEU A 21 9.55 15.47 31.50
N VAL A 22 8.94 16.66 31.63
CA VAL A 22 8.72 17.27 32.97
C VAL A 22 7.83 16.35 33.80
N GLY A 23 6.78 15.81 33.18
CA GLY A 23 5.86 14.87 33.84
C GLY A 23 6.48 13.55 34.27
N ALA A 24 7.57 13.16 33.64
CA ALA A 24 8.31 11.94 34.00
C ALA A 24 9.44 12.16 35.02
N GLY A 25 9.58 13.37 35.53
CA GLY A 25 10.55 13.69 36.58
C GLY A 25 11.91 14.20 36.15
N HIS A 26 12.02 14.69 34.91
CA HIS A 26 13.27 15.27 34.39
C HIS A 26 13.29 16.79 34.55
N VAL A 27 14.48 17.34 34.68
CA VAL A 27 14.69 18.77 34.78
C VAL A 27 14.87 19.29 33.36
N VAL A 28 13.84 19.95 32.83
CA VAL A 28 13.85 20.39 31.44
C VAL A 28 14.23 21.88 31.36
N ARG A 29 15.33 22.15 30.67
CA ARG A 29 15.76 23.52 30.37
C ARG A 29 15.40 23.78 28.90
N GLY A 30 14.88 24.97 28.62
CA GLY A 30 14.30 25.26 27.30
C GLY A 30 14.81 26.50 26.62
N PHE A 31 14.69 26.52 25.29
CA PHE A 31 14.85 27.75 24.52
C PHE A 31 14.05 27.68 23.24
N ASP A 32 13.29 28.75 22.97
CA ASP A 32 12.64 28.97 21.69
C ASP A 32 12.67 30.46 21.41
N PRO A 33 13.00 30.88 20.17
CA PRO A 33 12.98 32.32 19.87
C PRO A 33 11.60 32.98 19.78
N ALA A 34 10.53 32.17 19.77
CA ALA A 34 9.15 32.66 19.86
C ALA A 34 8.72 32.79 21.31
N PRO A 35 8.36 34.02 21.77
CA PRO A 35 7.82 34.23 23.12
C PRO A 35 6.63 33.33 23.49
N THR A 36 5.63 33.25 22.61
CA THR A 36 4.46 32.39 22.84
C THR A 36 4.84 30.91 23.04
N ALA A 37 5.80 30.43 22.26
CA ALA A 37 6.30 29.07 22.40
C ALA A 37 7.01 28.88 23.76
N ALA A 38 7.89 29.83 24.09
CA ALA A 38 8.62 29.80 25.37
C ALA A 38 7.68 29.96 26.59
N SER A 39 6.77 30.95 26.53
CA SER A 39 5.81 31.22 27.60
C SER A 39 4.98 29.98 27.96
N GLY A 40 4.38 29.38 26.93
CA GLY A 40 3.57 28.17 27.07
C GLY A 40 4.36 26.95 27.53
N ALA A 41 5.65 26.89 27.20
CA ALA A 41 6.55 25.87 27.70
C ALA A 41 6.85 26.08 29.19
N ALA A 42 7.11 27.32 29.58
CA ALA A 42 7.28 27.69 30.99
C ALA A 42 6.03 27.41 31.85
N ALA A 43 4.85 27.49 31.23
CA ALA A 43 3.59 27.21 31.92
C ALA A 43 3.49 25.76 32.43
N HIS A 44 4.05 24.81 31.69
CA HIS A 44 4.07 23.39 32.12
C HIS A 44 5.45 22.89 32.60
N GLY A 45 6.24 23.78 33.20
CA GLY A 45 7.40 23.38 34.00
C GLY A 45 8.79 23.52 33.42
N VAL A 46 8.90 23.95 32.17
CA VAL A 46 10.20 24.09 31.51
C VAL A 46 10.83 25.42 31.93
N ALA A 47 12.06 25.36 32.45
CA ALA A 47 12.82 26.58 32.76
C ALA A 47 13.40 27.13 31.45
N VAL A 48 12.76 28.18 30.92
CA VAL A 48 13.22 28.79 29.66
C VAL A 48 14.42 29.71 29.92
N PHE A 49 15.32 29.77 28.93
CA PHE A 49 16.51 30.62 28.98
C PHE A 49 16.56 31.54 27.78
N ARG A 50 17.33 32.61 27.92
CA ARG A 50 17.39 33.69 26.92
C ARG A 50 18.14 33.30 25.63
N SER A 51 19.06 32.33 25.72
CA SER A 51 19.76 31.78 24.55
C SER A 51 19.91 30.27 24.63
N ALA A 52 20.19 29.63 23.49
CA ALA A 52 20.36 28.17 23.41
C ALA A 52 21.61 27.67 24.12
N PRO A 53 22.76 28.38 24.01
CA PRO A 53 23.94 28.01 24.80
C PRO A 53 23.72 28.01 26.32
N GLU A 54 22.87 28.91 26.82
CA GLU A 54 22.51 28.95 28.24
C GLU A 54 21.74 27.70 28.68
N ALA A 55 20.75 27.31 27.89
CA ALA A 55 19.92 26.13 28.18
C ALA A 55 20.71 24.82 28.14
N VAL A 56 21.68 24.75 27.23
CA VAL A 56 22.54 23.57 27.05
C VAL A 56 23.54 23.35 28.21
N ALA A 57 23.98 24.43 28.85
CA ALA A 57 25.14 24.43 29.75
C ALA A 57 25.15 23.37 30.86
N GLU A 58 24.03 23.21 31.55
CA GLU A 58 23.93 22.29 32.69
C GLU A 58 23.23 20.96 32.34
N ALA A 59 23.28 20.56 31.09
CA ALA A 59 22.44 19.47 30.57
C ALA A 59 23.22 18.17 30.34
N ASP A 60 22.64 17.05 30.77
CA ASP A 60 23.15 15.71 30.45
C ASP A 60 22.70 15.28 29.05
N VAL A 61 21.58 15.82 28.59
CA VAL A 61 20.96 15.49 27.30
C VAL A 61 20.48 16.78 26.63
N VAL A 62 20.62 16.86 25.31
CA VAL A 62 20.19 18.01 24.53
C VAL A 62 19.33 17.56 23.36
N ILE A 63 18.05 17.94 23.37
CA ILE A 63 17.11 17.55 22.32
C ILE A 63 16.79 18.76 21.42
N THR A 64 16.90 18.56 20.11
CA THR A 64 16.48 19.54 19.12
C THR A 64 15.21 19.06 18.44
N MET A 65 14.21 19.94 18.35
CA MET A 65 13.02 19.71 17.51
C MET A 65 12.82 20.97 16.68
N LEU A 66 13.52 21.01 15.55
CA LEU A 66 13.72 22.23 14.76
C LEU A 66 13.21 22.08 13.32
N PRO A 67 12.94 23.21 12.62
CA PRO A 67 12.26 23.10 11.31
C PRO A 67 13.08 22.51 10.15
N THR A 68 14.38 22.80 10.08
CA THR A 68 15.22 22.40 8.95
C THR A 68 16.64 22.01 9.34
N GLY A 69 17.37 21.41 8.39
CA GLY A 69 18.75 20.98 8.59
C GLY A 69 19.71 22.15 8.78
N GLU A 70 19.49 23.25 8.05
CA GLU A 70 20.30 24.46 8.21
C GLU A 70 20.17 25.02 9.64
N VAL A 71 18.97 24.93 10.20
CA VAL A 71 18.71 25.41 11.55
C VAL A 71 19.31 24.48 12.62
N VAL A 72 19.24 23.17 12.40
CA VAL A 72 19.85 22.19 13.33
C VAL A 72 21.37 22.33 13.30
N ARG A 73 21.94 22.44 12.10
CA ARG A 73 23.39 22.65 11.92
C ARG A 73 23.89 23.90 12.67
N ARG A 74 23.22 25.02 12.46
CA ARG A 74 23.58 26.28 13.11
C ARG A 74 23.39 26.20 14.64
N CYS A 75 22.30 25.56 15.08
CA CYS A 75 22.06 25.33 16.52
C CYS A 75 23.22 24.58 17.15
N TYR A 76 23.66 23.49 16.51
CA TYR A 76 24.78 22.66 16.99
C TYR A 76 26.08 23.45 17.15
N THR A 77 26.43 24.24 16.14
CA THR A 77 27.64 25.06 16.22
C THR A 77 27.52 26.19 17.27
N ASP A 78 26.32 26.74 17.46
CA ASP A 78 26.08 27.71 18.54
C ASP A 78 26.28 27.13 19.95
N VAL A 79 25.94 25.85 20.15
CA VAL A 79 25.86 25.26 21.49
C VAL A 79 26.88 24.17 21.88
N LEU A 80 27.56 23.55 20.92
CA LEU A 80 28.41 22.39 21.23
C LEU A 80 29.58 22.71 22.18
N ALA A 81 30.14 23.93 22.09
CA ALA A 81 31.20 24.39 23.00
C ALA A 81 30.69 24.62 24.43
N ALA A 82 29.43 25.04 24.56
CA ALA A 82 28.81 25.24 25.87
C ALA A 82 28.43 23.93 26.58
N ALA A 83 28.32 22.84 25.83
CA ALA A 83 27.96 21.54 26.38
C ALA A 83 29.13 20.87 27.12
N ARG A 84 28.81 20.10 28.15
CA ARG A 84 29.80 19.29 28.86
C ARG A 84 30.23 18.10 28.00
N PRO A 85 31.39 17.47 28.30
CA PRO A 85 31.77 16.31 27.49
C PRO A 85 30.85 15.12 27.72
N ALA A 86 30.71 14.29 26.70
CA ALA A 86 29.84 13.11 26.72
C ALA A 86 28.34 13.43 26.92
N THR A 87 27.92 14.64 26.52
CA THR A 87 26.52 15.03 26.57
C THR A 87 25.80 14.35 25.41
N LEU A 88 24.63 13.76 25.71
CA LEU A 88 23.88 13.02 24.72
C LEU A 88 22.99 13.98 23.91
N PHE A 89 23.28 14.12 22.61
CA PHE A 89 22.43 14.89 21.71
C PHE A 89 21.45 13.97 20.98
N ILE A 90 20.18 14.34 20.95
CA ILE A 90 19.19 13.67 20.11
C ILE A 90 18.49 14.70 19.23
N ASP A 91 18.58 14.53 17.91
CA ASP A 91 17.82 15.36 16.97
C ASP A 91 16.58 14.60 16.53
N SER A 92 15.42 15.07 16.99
CA SER A 92 14.11 14.57 16.57
C SER A 92 13.49 15.39 15.43
N SER A 93 14.22 16.40 14.94
CA SER A 93 13.83 17.11 13.72
C SER A 93 13.77 16.15 12.56
N THR A 94 12.97 16.48 11.56
CA THR A 94 12.96 15.67 10.35
C THR A 94 13.75 16.47 9.33
N ILE A 95 14.94 15.95 9.03
CA ILE A 95 15.82 16.62 8.11
C ILE A 95 16.37 15.59 7.17
N SER A 96 17.16 16.00 6.19
CA SER A 96 17.73 15.05 5.27
C SER A 96 18.80 14.17 5.92
N VAL A 97 19.09 13.04 5.28
CA VAL A 97 20.02 12.04 5.76
C VAL A 97 21.42 12.63 5.66
N THR A 98 21.64 13.52 4.70
CA THR A 98 22.92 14.14 4.52
C THR A 98 23.21 15.09 5.64
N ASP A 99 22.24 15.95 5.94
CA ASP A 99 22.34 16.89 7.06
C ASP A 99 22.37 16.16 8.42
N ALA A 100 21.66 15.04 8.53
CA ALA A 100 21.66 14.26 9.75
C ALA A 100 23.03 13.70 10.10
N ARG A 101 23.70 13.13 9.10
CA ARG A 101 25.04 12.57 9.27
C ARG A 101 26.11 13.64 9.49
N GLU A 102 25.92 14.79 8.87
CA GLU A 102 26.82 15.92 9.06
C GLU A 102 26.80 16.40 10.52
N VAL A 103 25.60 16.61 11.07
CA VAL A 103 25.47 17.05 12.47
C VAL A 103 25.88 15.99 13.50
N HIS A 104 25.72 14.72 13.15
CA HIS A 104 26.19 13.60 13.96
C HIS A 104 27.71 13.62 14.09
N ALA A 105 28.37 13.66 12.93
CA ALA A 105 29.84 13.75 12.86
C ALA A 105 30.37 14.97 13.60
N LEU A 106 29.72 16.10 13.38
CA LEU A 106 30.08 17.36 14.04
C LEU A 106 29.94 17.27 15.56
N ALA A 107 28.87 16.61 16.03
CA ALA A 107 28.63 16.41 17.45
C ALA A 107 29.67 15.48 18.09
N GLU A 108 29.92 14.33 17.47
CA GLU A 108 30.89 13.37 18.00
C GLU A 108 32.36 13.87 17.93
N SER A 109 32.65 14.81 17.03
CA SER A 109 33.95 15.49 17.00
C SER A 109 34.21 16.32 18.26
N HIS A 110 33.15 16.80 18.92
CA HIS A 110 33.25 17.49 20.21
C HIS A 110 33.14 16.55 21.44
N GLY A 111 33.34 15.25 21.24
CA GLY A 111 33.27 14.28 22.34
C GLY A 111 31.87 14.12 22.89
N MET A 112 30.88 14.15 22.00
CA MET A 112 29.48 13.97 22.36
C MET A 112 28.97 12.67 21.75
N LEU A 113 27.84 12.22 22.27
CA LEU A 113 27.12 11.06 21.76
C LEU A 113 25.88 11.61 21.11
N GLN A 114 25.61 11.21 19.86
CA GLN A 114 24.52 11.80 19.08
C GLN A 114 23.66 10.76 18.38
N LEU A 115 22.35 10.95 18.44
CA LEU A 115 21.38 10.15 17.72
C LEU A 115 20.52 11.04 16.83
N ASP A 116 20.16 10.55 15.65
CA ASP A 116 19.00 11.10 14.94
C ASP A 116 17.82 10.22 15.31
N ALA A 117 16.70 10.84 15.65
CA ALA A 117 15.53 10.12 16.11
C ALA A 117 14.24 10.87 15.78
N PRO A 118 13.97 11.07 14.47
CA PRO A 118 12.71 11.73 14.07
C PRO A 118 11.49 10.92 14.48
N VAL A 119 10.33 11.58 14.49
CA VAL A 119 9.11 10.99 15.03
C VAL A 119 7.97 10.91 14.03
N SER A 120 7.05 9.99 14.29
CA SER A 120 5.75 9.89 13.59
C SER A 120 4.67 9.90 14.62
N GLY A 121 3.55 10.56 14.31
CA GLY A 121 2.41 10.61 15.23
C GLY A 121 1.78 11.97 15.40
N GLY A 122 2.50 13.02 15.00
CA GLY A 122 1.95 14.37 15.00
C GLY A 122 1.82 14.97 16.39
N VAL A 123 1.05 16.04 16.48
CA VAL A 123 0.79 16.73 17.75
C VAL A 123 -0.07 15.85 18.69
N LYS A 124 -1.04 15.15 18.10
CA LYS A 124 -1.88 14.18 18.81
C LYS A 124 -1.03 13.15 19.56
N GLY A 125 -0.09 12.54 18.85
CA GLY A 125 0.79 11.54 19.43
C GLY A 125 1.83 12.10 20.39
N ALA A 126 2.27 13.34 20.13
CA ALA A 126 3.23 14.03 21.00
C ALA A 126 2.66 14.33 22.40
N ALA A 127 1.41 14.79 22.46
CA ALA A 127 0.73 15.05 23.72
C ALA A 127 0.38 13.75 24.44
N ALA A 128 -0.18 12.79 23.71
CA ALA A 128 -0.55 11.49 24.26
C ALA A 128 0.66 10.59 24.61
N ALA A 129 1.86 11.01 24.20
CA ALA A 129 3.11 10.27 24.45
C ALA A 129 3.14 8.92 23.74
N THR A 130 2.66 8.92 22.48
CA THR A 130 2.61 7.71 21.65
C THR A 130 3.40 7.85 20.34
N LEU A 131 4.43 8.70 20.35
CA LEU A 131 5.25 8.95 19.17
C LEU A 131 6.11 7.74 18.84
N ALA A 132 6.35 7.52 17.54
CA ALA A 132 7.22 6.46 17.07
C ALA A 132 8.59 7.06 16.74
N PHE A 133 9.58 6.76 17.58
CA PHE A 133 10.95 7.17 17.33
C PHE A 133 11.67 6.15 16.49
N MET A 134 12.14 6.58 15.31
CA MET A 134 12.98 5.77 14.42
C MET A 134 14.41 6.28 14.54
N VAL A 135 15.29 5.49 15.14
CA VAL A 135 16.59 5.97 15.64
C VAL A 135 17.79 5.50 14.81
N GLY A 136 18.61 6.45 14.38
CA GLY A 136 19.94 6.17 13.86
C GLY A 136 21.00 6.52 14.88
N GLY A 137 22.01 5.68 15.00
CA GLY A 137 23.14 5.88 15.93
C GLY A 137 23.73 4.58 16.41
N ASP A 138 24.54 4.64 17.46
CA ASP A 138 25.09 3.45 18.11
C ASP A 138 24.06 2.86 19.05
N GLU A 139 24.07 1.54 19.21
CA GLU A 139 23.11 0.86 20.07
C GLU A 139 23.32 1.17 21.54
N SER A 140 24.58 1.27 21.97
CA SER A 140 24.89 1.68 23.35
C SER A 140 24.46 3.13 23.64
N THR A 141 24.53 3.99 22.62
CA THR A 141 24.02 5.37 22.71
C THR A 141 22.48 5.40 22.79
N LEU A 142 21.80 4.50 22.09
CA LEU A 142 20.34 4.35 22.20
C LEU A 142 19.94 3.84 23.58
N ARG A 143 20.68 2.86 24.11
CA ARG A 143 20.41 2.30 25.44
C ARG A 143 20.44 3.38 26.52
N ARG A 144 21.41 4.28 26.46
CA ARG A 144 21.48 5.44 27.35
C ARG A 144 20.29 6.39 27.12
N ALA A 145 19.91 6.59 25.86
CA ALA A 145 18.77 7.45 25.49
C ALA A 145 17.39 6.92 25.88
N ARG A 146 17.24 5.59 26.08
CA ARG A 146 15.93 4.97 26.33
C ARG A 146 15.08 5.62 27.45
N PRO A 147 15.65 5.78 28.67
CA PRO A 147 14.91 6.47 29.74
C PRO A 147 14.37 7.88 29.40
N VAL A 148 15.06 8.61 28.53
CA VAL A 148 14.61 9.91 28.08
C VAL A 148 13.53 9.75 27.02
N LEU A 149 13.70 8.79 26.12
CA LEU A 149 12.77 8.58 25.02
C LEU A 149 11.44 7.97 25.44
N GLU A 150 11.50 6.97 26.33
CA GLU A 150 10.32 6.26 26.84
C GLU A 150 9.11 7.17 27.24
N PRO A 151 9.33 8.20 28.07
CA PRO A 151 8.22 9.11 28.44
C PRO A 151 7.50 9.85 27.31
N MET A 152 8.15 10.07 26.17
CA MET A 152 7.51 10.74 25.02
C MET A 152 6.98 9.77 23.96
N ALA A 153 7.28 8.48 24.10
CA ALA A 153 7.17 7.50 23.04
C ALA A 153 6.18 6.39 23.35
N GLY A 154 5.50 5.91 22.31
CA GLY A 154 4.78 4.64 22.35
C GLY A 154 5.55 3.53 21.63
N LYS A 155 6.55 3.91 20.82
CA LYS A 155 7.31 2.98 19.99
C LYS A 155 8.71 3.54 19.77
N ILE A 156 9.72 2.70 19.95
CA ILE A 156 11.13 3.10 19.75
C ILE A 156 11.81 1.99 18.95
N ILE A 157 12.37 2.35 17.80
CA ILE A 157 12.96 1.38 16.90
C ILE A 157 14.34 1.86 16.43
N HIS A 158 15.35 1.01 16.65
CA HIS A 158 16.70 1.20 16.16
C HIS A 158 16.76 0.86 14.67
N CYS A 159 17.01 1.87 13.84
CA CYS A 159 17.05 1.71 12.38
C CYS A 159 18.43 1.37 11.81
N GLY A 160 19.49 1.75 12.53
CA GLY A 160 20.86 1.47 12.11
C GLY A 160 21.82 2.54 12.62
N ALA A 161 22.90 2.74 11.88
CA ALA A 161 23.89 3.79 12.17
C ALA A 161 23.30 5.20 11.89
N ALA A 162 24.05 6.24 12.23
CA ALA A 162 23.61 7.61 12.05
C ALA A 162 23.11 7.87 10.64
N GLY A 163 21.88 8.38 10.53
CA GLY A 163 21.20 8.61 9.27
C GLY A 163 20.05 7.65 9.00
N ALA A 164 20.11 6.44 9.59
CA ALA A 164 19.12 5.40 9.35
C ALA A 164 17.71 5.78 9.80
N GLY A 165 17.62 6.54 10.89
CA GLY A 165 16.34 7.04 11.39
C GLY A 165 15.63 7.93 10.41
N GLN A 166 16.36 8.91 9.88
CA GLN A 166 15.88 9.81 8.86
C GLN A 166 15.61 9.09 7.52
N ALA A 167 16.42 8.10 7.17
CA ALA A 167 16.21 7.26 6.00
C ALA A 167 14.96 6.41 6.11
N ALA A 168 14.76 5.81 7.27
CA ALA A 168 13.61 4.93 7.52
C ALA A 168 12.26 5.67 7.43
N LYS A 169 12.20 6.84 8.05
CA LYS A 169 10.98 7.66 8.05
C LYS A 169 10.64 8.15 6.65
N VAL A 170 11.62 8.73 5.97
CA VAL A 170 11.39 9.32 4.65
C VAL A 170 11.04 8.26 3.60
N CYS A 171 11.62 7.08 3.71
CA CYS A 171 11.27 5.96 2.82
C CYS A 171 9.83 5.46 3.04
N ASN A 172 9.40 5.35 4.29
CA ASN A 172 8.03 4.93 4.60
C ASN A 172 6.97 5.95 4.16
N ASN A 173 7.21 7.24 4.44
CA ASN A 173 6.28 8.30 4.04
C ASN A 173 6.19 8.53 2.52
N MET A 174 7.26 8.20 1.79
CA MET A 174 7.19 8.23 0.33
C MET A 174 6.19 7.20 -0.14
N VAL A 175 6.30 5.99 0.41
CA VAL A 175 5.36 4.88 0.14
C VAL A 175 3.95 5.30 0.52
N LEU A 176 3.80 5.96 1.66
CA LEU A 176 2.50 6.44 2.15
C LEU A 176 1.82 7.40 1.17
N ALA A 177 2.56 8.38 0.67
CA ALA A 177 2.05 9.38 -0.25
C ALA A 177 1.50 8.72 -1.51
N VAL A 178 2.25 7.76 -2.05
CA VAL A 178 1.87 7.00 -3.23
C VAL A 178 0.62 6.15 -2.95
N GLN A 179 0.60 5.47 -1.82
CA GLN A 179 -0.56 4.67 -1.41
C GLN A 179 -1.81 5.49 -1.23
N GLN A 180 -1.68 6.68 -0.64
CA GLN A 180 -2.83 7.55 -0.42
C GLN A 180 -3.46 8.06 -1.72
N ILE A 181 -2.62 8.35 -2.71
CA ILE A 181 -3.08 8.78 -4.04
C ILE A 181 -3.66 7.57 -4.79
N ALA A 182 -2.97 6.44 -4.73
CA ALA A 182 -3.43 5.21 -5.38
C ALA A 182 -4.80 4.78 -4.88
N ILE A 183 -5.01 4.86 -3.57
CA ILE A 183 -6.31 4.58 -2.94
C ILE A 183 -7.37 5.58 -3.42
N ALA A 184 -7.01 6.86 -3.49
CA ALA A 184 -7.92 7.89 -3.99
C ALA A 184 -8.32 7.70 -5.46
N GLU A 185 -7.38 7.23 -6.28
CA GLU A 185 -7.68 6.88 -7.67
C GLU A 185 -8.68 5.74 -7.74
N ALA A 186 -8.45 4.70 -6.92
CA ALA A 186 -9.31 3.52 -6.87
C ALA A 186 -10.75 3.84 -6.50
N PHE A 187 -10.94 4.79 -5.59
CA PHE A 187 -12.28 5.18 -5.14
C PHE A 187 -13.08 5.99 -6.16
N VAL A 188 -12.43 6.86 -6.95
CA VAL A 188 -13.14 7.63 -7.98
C VAL A 188 -13.38 6.80 -9.25
N LEU A 189 -12.45 5.88 -9.55
CA LEU A 189 -12.66 4.91 -10.64
C LEU A 189 -13.83 3.96 -10.30
N ALA A 190 -13.90 3.52 -9.05
CA ALA A 190 -14.98 2.68 -8.59
C ALA A 190 -16.34 3.40 -8.69
N GLU A 191 -16.37 4.67 -8.30
CA GLU A 191 -17.58 5.49 -8.38
C GLU A 191 -18.09 5.61 -9.82
N LYS A 192 -17.19 5.90 -10.75
CA LYS A 192 -17.53 6.03 -12.17
C LYS A 192 -17.92 4.71 -12.85
N LEU A 193 -17.40 3.59 -12.33
CA LEU A 193 -17.80 2.26 -12.79
C LEU A 193 -19.07 1.74 -12.10
N GLY A 194 -19.69 2.53 -11.22
CA GLY A 194 -20.90 2.12 -10.49
C GLY A 194 -20.67 1.08 -9.39
N LEU A 195 -19.46 1.07 -8.83
CA LEU A 195 -19.15 0.24 -7.67
C LEU A 195 -19.17 1.17 -6.46
N SER A 196 -19.95 0.80 -5.45
CA SER A 196 -20.09 1.63 -4.25
C SER A 196 -18.76 1.75 -3.48
N ALA A 197 -18.62 2.84 -2.74
CA ALA A 197 -17.49 3.03 -1.86
C ALA A 197 -17.36 1.90 -0.85
N GLN A 198 -18.48 1.53 -0.23
CA GLN A 198 -18.51 0.47 0.80
C GLN A 198 -18.12 -0.89 0.24
N SER A 199 -18.52 -1.17 -1.00
CA SER A 199 -18.14 -2.42 -1.68
C SER A 199 -16.64 -2.47 -1.95
N LEU A 200 -16.11 -1.39 -2.53
CA LEU A 200 -14.65 -1.28 -2.78
C LEU A 200 -13.87 -1.40 -1.47
N PHE A 201 -14.35 -0.73 -0.41
CA PHE A 201 -13.71 -0.80 0.90
C PHE A 201 -13.64 -2.22 1.46
N ASP A 202 -14.74 -2.95 1.39
CA ASP A 202 -14.80 -4.33 1.91
C ASP A 202 -13.81 -5.25 1.18
N VAL A 203 -13.69 -5.06 -0.13
CA VAL A 203 -12.85 -5.92 -0.98
C VAL A 203 -11.38 -5.64 -0.71
N ILE A 204 -10.98 -4.39 -0.89
CA ILE A 204 -9.57 -3.99 -0.78
C ILE A 204 -8.99 -4.24 0.62
N THR A 205 -9.78 -4.02 1.67
CA THR A 205 -9.32 -4.26 3.05
C THR A 205 -9.13 -5.74 3.38
N GLY A 206 -9.79 -6.62 2.64
CA GLY A 206 -9.59 -8.07 2.75
C GLY A 206 -8.74 -8.68 1.66
N ALA A 207 -7.96 -7.86 0.98
CA ALA A 207 -7.18 -8.28 -0.20
C ALA A 207 -5.82 -7.59 -0.26
N THR A 208 -5.05 -7.92 -1.30
CA THR A 208 -3.64 -7.47 -1.46
C THR A 208 -3.42 -5.95 -1.42
N GLY A 209 -4.42 -5.19 -1.81
CA GLY A 209 -4.35 -3.73 -1.82
C GLY A 209 -4.47 -3.05 -0.46
N ASN A 210 -4.78 -3.80 0.61
CA ASN A 210 -5.01 -3.19 1.92
C ASN A 210 -3.80 -2.43 2.47
N CYS A 211 -4.08 -1.26 3.03
CA CYS A 211 -3.07 -0.43 3.69
C CYS A 211 -3.74 0.62 4.57
N TRP A 212 -2.96 1.22 5.45
CA TRP A 212 -3.40 2.27 6.37
C TRP A 212 -4.19 3.35 5.64
N ALA A 213 -3.71 3.74 4.47
CA ALA A 213 -4.34 4.76 3.63
C ALA A 213 -5.81 4.52 3.31
N VAL A 214 -6.24 3.26 3.31
CA VAL A 214 -7.65 2.90 3.17
C VAL A 214 -8.26 2.43 4.49
N HIS A 215 -7.63 1.50 5.21
CA HIS A 215 -8.30 0.91 6.40
C HIS A 215 -8.50 1.89 7.57
N THR A 216 -7.62 2.89 7.69
CA THR A 216 -7.75 3.93 8.71
C THR A 216 -8.05 5.32 8.11
N ASN A 217 -7.43 5.68 6.99
CA ASN A 217 -7.52 7.04 6.45
C ASN A 217 -8.38 7.11 5.18
N CYS A 218 -9.41 6.27 5.10
CA CYS A 218 -10.30 6.19 3.93
C CYS A 218 -10.72 7.57 3.40
N PRO A 219 -10.35 7.91 2.14
CA PRO A 219 -10.60 9.24 1.59
C PRO A 219 -12.02 9.57 1.18
N VAL A 220 -12.92 8.57 1.20
CA VAL A 220 -14.37 8.82 1.04
C VAL A 220 -15.06 8.64 2.38
N PRO A 221 -16.12 9.43 2.66
CA PRO A 221 -16.83 9.30 3.94
C PRO A 221 -17.73 8.07 4.01
N GLY A 222 -17.83 7.48 5.20
CA GLY A 222 -18.78 6.40 5.49
C GLY A 222 -18.14 5.12 5.98
N PRO A 223 -17.29 4.49 5.13
CA PRO A 223 -16.58 3.25 5.49
C PRO A 223 -15.78 3.26 6.78
N VAL A 224 -15.13 4.39 7.07
CA VAL A 224 -14.36 4.56 8.32
C VAL A 224 -14.79 5.91 8.94
N PRO A 225 -15.83 5.91 9.81
CA PRO A 225 -16.39 7.15 10.42
C PRO A 225 -15.36 8.15 10.96
N THR A 226 -14.28 7.65 11.57
CA THR A 226 -13.23 8.50 12.14
C THR A 226 -12.27 9.11 11.13
N SER A 227 -12.26 8.64 9.89
CA SER A 227 -11.33 9.16 8.87
C SER A 227 -11.64 10.62 8.53
N PRO A 228 -10.60 11.44 8.28
CA PRO A 228 -10.73 12.88 7.96
C PRO A 228 -11.78 13.26 6.93
N ALA A 229 -12.01 12.40 5.94
CA ALA A 229 -13.07 12.59 4.94
C ALA A 229 -14.47 12.82 5.53
N ASN A 230 -14.74 12.23 6.70
CA ASN A 230 -15.99 12.44 7.42
C ASN A 230 -16.03 13.73 8.26
N ASN A 231 -14.97 14.53 8.20
CA ASN A 231 -14.79 15.66 9.09
C ASN A 231 -14.08 16.83 8.36
N ASP A 232 -14.59 17.15 7.17
CA ASP A 232 -14.09 18.27 6.35
C ASP A 232 -12.60 18.20 6.02
N PHE A 233 -12.04 16.98 6.03
CA PHE A 233 -10.59 16.74 5.86
C PHE A 233 -9.69 17.50 6.84
N LYS A 234 -10.15 17.63 8.09
CA LYS A 234 -9.31 18.19 9.18
C LYS A 234 -8.17 17.21 9.44
N PRO A 235 -6.90 17.69 9.46
CA PRO A 235 -5.82 16.80 9.85
C PRO A 235 -5.91 16.43 11.33
N GLY A 236 -5.52 15.22 11.75
CA GLY A 236 -4.91 14.20 10.92
C GLY A 236 -3.46 14.51 10.57
N PHE A 237 -3.11 14.30 9.31
CA PHE A 237 -1.74 14.48 8.79
C PHE A 237 -1.82 15.38 7.56
N SER A 238 -1.34 16.62 7.70
CA SER A 238 -1.60 17.67 6.71
C SER A 238 -0.84 17.50 5.40
N THR A 239 -1.38 18.11 4.36
CA THR A 239 -0.72 18.21 3.06
C THR A 239 0.58 19.00 3.17
N ALA A 240 0.57 20.08 3.97
CA ALA A 240 1.76 20.89 4.24
C ALA A 240 2.94 20.07 4.74
N LEU A 241 2.66 19.16 5.68
CA LEU A 241 3.68 18.30 6.28
C LEU A 241 4.06 17.13 5.37
N MET A 242 3.09 16.56 4.66
CA MET A 242 3.39 15.51 3.68
C MET A 242 4.26 16.07 2.55
N ASN A 243 3.93 17.28 2.09
CA ASN A 243 4.74 18.00 1.10
C ASN A 243 6.17 18.22 1.61
N LYS A 244 6.29 18.56 2.88
CA LYS A 244 7.58 18.74 3.54
C LYS A 244 8.42 17.46 3.57
N ASP A 245 7.79 16.34 3.90
CA ASP A 245 8.46 15.03 3.93
C ASP A 245 8.84 14.51 2.53
N LEU A 246 7.99 14.77 1.53
CA LEU A 246 8.28 14.35 0.16
C LEU A 246 9.43 15.16 -0.46
N GLY A 247 9.48 16.46 -0.17
CA GLY A 247 10.62 17.31 -0.54
C GLY A 247 11.95 16.70 -0.10
N LEU A 248 12.01 16.21 1.14
CA LEU A 248 13.18 15.53 1.69
C LEU A 248 13.50 14.20 0.98
N ALA A 249 12.46 13.48 0.59
CA ALA A 249 12.63 12.26 -0.21
C ALA A 249 13.24 12.56 -1.57
N MET A 250 12.80 13.66 -2.19
CA MET A 250 13.36 14.09 -3.48
C MET A 250 14.80 14.60 -3.34
N ASP A 251 15.11 15.20 -2.19
CA ASP A 251 16.51 15.55 -1.87
C ASP A 251 17.37 14.30 -1.75
N ALA A 252 16.83 13.27 -1.10
CA ALA A 252 17.51 11.98 -0.99
C ALA A 252 17.68 11.25 -2.32
N VAL A 253 16.66 11.32 -3.17
CA VAL A 253 16.70 10.73 -4.52
C VAL A 253 17.72 11.44 -5.40
N ALA A 254 17.71 12.78 -5.35
CA ALA A 254 18.70 13.61 -6.06
C ALA A 254 20.14 13.31 -5.61
N ALA A 255 20.33 13.22 -4.29
CA ALA A 255 21.65 12.97 -3.68
C ALA A 255 22.23 11.61 -4.06
N THR A 256 21.42 10.56 -3.95
CA THR A 256 21.84 9.19 -4.28
C THR A 256 21.85 8.86 -5.78
N GLY A 257 21.16 9.66 -6.59
CA GLY A 257 20.95 9.32 -8.01
C GLY A 257 20.01 8.15 -8.21
N ALA A 258 19.00 8.04 -7.35
CA ALA A 258 18.05 6.92 -7.34
C ALA A 258 16.98 7.12 -8.39
N THR A 259 16.41 6.02 -8.86
CA THR A 259 15.23 6.09 -9.73
C THR A 259 14.01 5.77 -8.85
N ALA A 260 13.09 6.72 -8.75
CA ALA A 260 11.88 6.58 -7.95
C ALA A 260 10.68 7.27 -8.65
N PRO A 261 10.22 6.69 -9.77
CA PRO A 261 9.21 7.37 -10.61
C PRO A 261 7.87 7.65 -9.91
N LEU A 262 7.29 6.64 -9.26
CA LEU A 262 6.03 6.82 -8.51
C LEU A 262 6.16 7.73 -7.30
N GLY A 263 7.27 7.59 -6.58
CA GLY A 263 7.57 8.48 -5.46
C GLY A 263 7.68 9.92 -5.91
N SER A 264 8.41 10.14 -7.01
CA SER A 264 8.58 11.48 -7.59
C SER A 264 7.29 12.05 -8.13
N HIS A 265 6.43 11.19 -8.67
CA HIS A 265 5.13 11.61 -9.18
C HIS A 265 4.23 12.07 -8.04
N ALA A 266 4.25 11.31 -6.94
CA ALA A 266 3.50 11.67 -5.73
C ALA A 266 3.98 13.01 -5.16
N ALA A 267 5.29 13.23 -5.21
CA ALA A 267 5.89 14.50 -4.76
C ALA A 267 5.37 15.67 -5.56
N ASP A 268 5.35 15.53 -6.90
CA ASP A 268 4.83 16.59 -7.79
C ASP A 268 3.35 16.89 -7.51
N ILE A 269 2.55 15.84 -7.33
CA ILE A 269 1.12 15.97 -7.06
C ILE A 269 0.86 16.74 -5.76
N TYR A 270 1.58 16.38 -4.70
CA TYR A 270 1.39 17.01 -3.39
C TYR A 270 1.99 18.44 -3.29
N ALA A 271 3.08 18.69 -3.99
CA ALA A 271 3.65 20.05 -4.08
C ALA A 271 2.62 21.01 -4.69
N LYS A 272 2.01 20.58 -5.79
CA LYS A 272 0.95 21.33 -6.46
C LYS A 272 -0.32 21.45 -5.58
N PHE A 273 -0.68 20.36 -4.91
CA PHE A 273 -1.83 20.35 -3.99
C PHE A 273 -1.62 21.23 -2.75
N ALA A 274 -0.41 21.28 -2.25
CA ALA A 274 -0.07 22.07 -1.11
C ALA A 274 -0.15 23.54 -1.41
N ALA A 275 -0.29 23.92 -2.67
CA ALA A 275 -0.38 25.30 -3.00
C ALA A 275 -1.76 25.81 -2.80
N ASP A 276 -2.72 24.90 -2.73
CA ASP A 276 -4.09 25.29 -2.50
C ASP A 276 -4.62 24.84 -1.19
N HIS A 277 -4.30 23.60 -0.81
CA HIS A 277 -4.84 22.98 0.36
C HIS A 277 -3.85 22.44 1.38
N ALA A 278 -2.85 23.23 1.70
CA ALA A 278 -1.84 22.83 2.70
C ALA A 278 -2.45 22.47 4.05
N ASP A 279 -3.52 23.19 4.43
CA ASP A 279 -4.16 23.01 5.74
C ASP A 279 -5.04 21.74 5.88
N LEU A 280 -5.34 21.06 4.78
CA LEU A 280 -6.18 19.87 4.81
C LEU A 280 -5.34 18.59 4.93
N ASP A 281 -5.97 17.53 5.41
CA ASP A 281 -5.35 16.22 5.52
C ASP A 281 -4.96 15.74 4.13
N PHE A 282 -3.81 15.07 4.05
CA PHE A 282 -3.25 14.61 2.77
C PHE A 282 -4.12 13.63 1.97
N SER A 283 -5.08 12.98 2.65
CA SER A 283 -6.10 12.16 1.97
C SER A 283 -7.02 12.96 1.06
N ALA A 284 -7.12 14.27 1.29
CA ALA A 284 -7.90 15.19 0.45
C ALA A 284 -7.41 15.31 -1.00
N VAL A 285 -6.20 14.81 -1.27
CA VAL A 285 -5.66 14.66 -2.63
C VAL A 285 -6.65 14.08 -3.65
N ILE A 286 -7.59 13.26 -3.17
CA ILE A 286 -8.70 12.71 -3.98
C ILE A 286 -9.47 13.73 -4.81
N HIS A 287 -9.64 14.95 -4.28
CA HIS A 287 -10.41 15.99 -4.96
C HIS A 287 -9.57 16.96 -5.82
N THR A 288 -8.27 16.69 -5.96
CA THR A 288 -7.39 17.45 -6.87
C THR A 288 -6.87 16.60 -8.03
N LEU A 289 -7.49 15.44 -8.27
CA LEU A 289 -7.04 14.54 -9.34
C LEU A 289 -7.43 15.07 -10.73
N ARG A 290 -8.57 15.76 -10.82
CA ARG A 290 -9.05 16.31 -12.10
C ARG A 290 -8.29 17.57 -12.56
N ALA A 291 -7.42 18.10 -11.70
CA ALA A 291 -6.46 19.16 -12.10
C ALA A 291 -5.40 18.70 -13.12
N ARG A 292 -5.06 17.41 -13.11
CA ARG A 292 -3.92 16.89 -13.89
C ARG A 292 -4.19 16.86 -15.43
N MET B 1 -24.75 -37.07 -7.01
CA MET B 1 -24.38 -35.82 -7.70
C MET B 1 -25.44 -34.76 -7.47
N MET B 2 -24.97 -33.53 -7.28
CA MET B 2 -25.81 -32.36 -6.96
C MET B 2 -26.24 -31.65 -8.22
N THR B 3 -25.36 -30.84 -8.80
CA THR B 3 -25.69 -30.11 -9.98
C THR B 3 -24.83 -30.55 -11.12
N THR B 4 -25.37 -30.44 -12.31
CA THR B 4 -24.61 -30.66 -13.52
C THR B 4 -24.00 -29.34 -14.01
N ILE B 5 -22.68 -29.23 -13.92
CA ILE B 5 -21.96 -28.00 -14.25
C ILE B 5 -21.16 -28.15 -15.55
N ALA B 6 -21.44 -27.32 -16.53
CA ALA B 6 -20.59 -27.22 -17.72
C ALA B 6 -19.43 -26.27 -17.43
N PHE B 7 -18.20 -26.66 -17.75
CA PHE B 7 -17.05 -25.82 -17.51
C PHE B 7 -16.34 -25.58 -18.84
N LEU B 8 -16.27 -24.32 -19.26
CA LEU B 8 -15.70 -23.93 -20.54
C LEU B 8 -14.39 -23.17 -20.31
N GLY B 9 -13.27 -23.84 -20.57
CA GLY B 9 -11.94 -23.33 -20.28
C GLY B 9 -11.35 -24.11 -19.12
N LEU B 10 -10.56 -25.13 -19.44
CA LEU B 10 -9.95 -26.03 -18.47
C LEU B 10 -8.43 -25.86 -18.45
N GLY B 11 -7.99 -24.60 -18.43
CA GLY B 11 -6.56 -24.27 -18.45
C GLY B 11 -5.94 -24.36 -17.07
N ASN B 12 -4.99 -23.47 -16.80
CA ASN B 12 -4.25 -23.49 -15.53
C ASN B 12 -5.15 -23.23 -14.32
N MET B 13 -6.18 -22.41 -14.52
CA MET B 13 -7.16 -22.14 -13.48
C MET B 13 -8.34 -23.10 -13.59
N GLY B 14 -8.88 -23.24 -14.80
CA GLY B 14 -10.03 -24.07 -15.06
C GLY B 14 -9.93 -25.54 -14.65
N ALA B 15 -8.77 -26.14 -14.87
CA ALA B 15 -8.55 -27.56 -14.56
C ALA B 15 -8.60 -27.87 -13.06
N PRO B 16 -7.79 -27.16 -12.22
CA PRO B 16 -7.92 -27.38 -10.78
C PRO B 16 -9.26 -26.93 -10.18
N MET B 17 -9.90 -25.92 -10.79
CA MET B 17 -11.24 -25.50 -10.39
C MET B 17 -12.26 -26.59 -10.69
N SER B 18 -12.20 -27.15 -11.90
CA SER B 18 -13.09 -28.24 -12.30
C SER B 18 -12.88 -29.51 -11.46
N ALA B 19 -11.65 -29.79 -11.09
CA ALA B 19 -11.33 -30.97 -10.25
C ALA B 19 -11.97 -30.90 -8.88
N ASN B 20 -11.99 -29.72 -8.28
CA ASN B 20 -12.61 -29.51 -6.96
C ASN B 20 -14.13 -29.66 -7.01
N LEU B 21 -14.74 -29.28 -8.14
CA LEU B 21 -16.16 -29.52 -8.35
C LEU B 21 -16.46 -31.02 -8.45
N VAL B 22 -15.61 -31.74 -9.18
CA VAL B 22 -15.74 -33.20 -9.29
C VAL B 22 -15.57 -33.88 -7.94
N GLY B 23 -14.61 -33.41 -7.15
CA GLY B 23 -14.37 -33.92 -5.79
C GLY B 23 -15.57 -33.72 -4.86
N ALA B 24 -16.24 -32.58 -5.01
CA ALA B 24 -17.41 -32.24 -4.21
C ALA B 24 -18.71 -32.98 -4.60
N GLY B 25 -18.66 -33.75 -5.69
CA GLY B 25 -19.76 -34.64 -6.11
C GLY B 25 -20.60 -34.15 -7.26
N HIS B 26 -20.15 -33.10 -7.95
CA HIS B 26 -20.86 -32.56 -9.11
C HIS B 26 -20.50 -33.32 -10.37
N VAL B 27 -21.44 -33.35 -11.31
CA VAL B 27 -21.17 -33.85 -12.66
C VAL B 27 -20.66 -32.63 -13.43
N VAL B 28 -19.44 -32.75 -13.98
CA VAL B 28 -18.80 -31.64 -14.67
C VAL B 28 -18.63 -31.99 -16.14
N ARG B 29 -19.28 -31.19 -17.00
CA ARG B 29 -19.27 -31.39 -18.45
C ARG B 29 -18.30 -30.36 -19.08
N GLY B 30 -17.08 -30.79 -19.34
CA GLY B 30 -16.02 -29.91 -19.79
C GLY B 30 -15.92 -29.71 -21.28
N PHE B 31 -15.44 -28.54 -21.68
CA PHE B 31 -14.95 -28.31 -23.03
C PHE B 31 -13.76 -27.35 -23.00
N ASP B 32 -12.78 -27.65 -23.85
CA ASP B 32 -11.62 -26.80 -24.06
C ASP B 32 -11.03 -27.19 -25.41
N PRO B 33 -10.88 -26.23 -26.34
CA PRO B 33 -10.36 -26.56 -27.68
C PRO B 33 -8.88 -26.95 -27.70
N ALA B 34 -8.13 -26.59 -26.67
CA ALA B 34 -6.78 -27.12 -26.47
C ALA B 34 -6.91 -28.56 -25.96
N PRO B 35 -6.55 -29.57 -26.80
CA PRO B 35 -6.79 -30.97 -26.39
C PRO B 35 -5.99 -31.45 -25.19
N THR B 36 -4.83 -30.87 -24.94
CA THR B 36 -4.03 -31.17 -23.74
C THR B 36 -4.74 -30.74 -22.45
N ALA B 37 -5.41 -29.60 -22.48
CA ALA B 37 -6.19 -29.11 -21.35
C ALA B 37 -7.39 -30.03 -21.06
N ALA B 38 -8.10 -30.40 -22.12
CA ALA B 38 -9.24 -31.30 -22.01
C ALA B 38 -8.86 -32.66 -21.44
N SER B 39 -7.72 -33.20 -21.86
CA SER B 39 -7.22 -34.51 -21.40
C SER B 39 -6.88 -34.52 -19.92
N GLY B 40 -6.20 -33.47 -19.47
CA GLY B 40 -5.83 -33.29 -18.06
C GLY B 40 -7.03 -33.15 -17.15
N ALA B 41 -8.06 -32.46 -17.65
CA ALA B 41 -9.35 -32.34 -16.95
C ALA B 41 -10.09 -33.69 -16.93
N ALA B 42 -10.07 -34.41 -18.06
CA ALA B 42 -10.69 -35.74 -18.15
C ALA B 42 -10.11 -36.72 -17.11
N ALA B 43 -8.80 -36.67 -16.95
CA ALA B 43 -8.07 -37.50 -15.98
C ALA B 43 -8.56 -37.34 -14.55
N HIS B 44 -8.98 -36.13 -14.19
CA HIS B 44 -9.49 -35.83 -12.83
C HIS B 44 -11.00 -35.96 -12.65
N GLY B 45 -11.70 -36.46 -13.67
CA GLY B 45 -13.12 -36.83 -13.59
C GLY B 45 -14.12 -35.99 -14.40
N VAL B 46 -13.64 -35.03 -15.16
CA VAL B 46 -14.51 -34.20 -16.01
C VAL B 46 -14.96 -35.03 -17.22
N ALA B 47 -16.23 -34.89 -17.59
CA ALA B 47 -16.75 -35.46 -18.83
C ALA B 47 -16.47 -34.47 -19.95
N VAL B 48 -15.55 -34.83 -20.84
CA VAL B 48 -15.12 -33.98 -21.93
C VAL B 48 -16.03 -34.20 -23.15
N PHE B 49 -16.34 -33.12 -23.85
CA PHE B 49 -17.25 -33.14 -24.98
C PHE B 49 -16.59 -32.58 -26.25
N ARG B 50 -17.26 -32.83 -27.38
CA ARG B 50 -16.69 -32.54 -28.71
C ARG B 50 -16.78 -31.05 -29.07
N SER B 51 -17.83 -30.38 -28.58
CA SER B 51 -18.03 -28.94 -28.78
C SER B 51 -18.61 -28.29 -27.53
N ALA B 52 -18.51 -26.95 -27.45
CA ALA B 52 -19.04 -26.21 -26.29
C ALA B 52 -20.56 -26.28 -26.18
N PRO B 53 -21.31 -26.17 -27.30
CA PRO B 53 -22.75 -26.40 -27.26
C PRO B 53 -23.20 -27.75 -26.68
N GLU B 54 -22.44 -28.82 -26.96
CA GLU B 54 -22.72 -30.13 -26.38
C GLU B 54 -22.57 -30.13 -24.87
N ALA B 55 -21.51 -29.48 -24.37
CA ALA B 55 -21.25 -29.42 -22.92
C ALA B 55 -22.35 -28.67 -22.15
N VAL B 56 -22.77 -27.52 -22.68
CA VAL B 56 -23.80 -26.71 -22.03
C VAL B 56 -25.22 -27.29 -22.13
N ALA B 57 -25.46 -28.15 -23.12
CA ALA B 57 -26.80 -28.66 -23.46
C ALA B 57 -27.60 -29.20 -22.28
N GLU B 58 -26.98 -30.02 -21.44
CA GLU B 58 -27.66 -30.67 -20.30
C GLU B 58 -27.17 -30.14 -18.95
N ALA B 59 -26.91 -28.84 -18.85
CA ALA B 59 -26.29 -28.25 -17.67
C ALA B 59 -27.19 -27.26 -16.94
N ASP B 60 -27.15 -27.32 -15.61
CA ASP B 60 -27.88 -26.38 -14.75
C ASP B 60 -27.05 -25.12 -14.50
N VAL B 61 -25.71 -25.27 -14.55
CA VAL B 61 -24.78 -24.15 -14.40
C VAL B 61 -23.72 -24.24 -15.51
N VAL B 62 -23.24 -23.10 -15.96
CA VAL B 62 -22.18 -23.02 -16.98
C VAL B 62 -21.09 -22.03 -16.53
N ILE B 63 -19.92 -22.55 -16.16
CA ILE B 63 -18.76 -21.74 -15.79
C ILE B 63 -17.87 -21.51 -17.00
N THR B 64 -17.51 -20.25 -17.26
CA THR B 64 -16.47 -19.91 -18.24
C THR B 64 -15.24 -19.36 -17.51
N MET B 65 -14.07 -19.87 -17.89
CA MET B 65 -12.78 -19.44 -17.34
C MET B 65 -11.79 -19.28 -18.51
N LEU B 66 -11.89 -18.12 -19.16
CA LEU B 66 -11.32 -17.91 -20.50
C LEU B 66 -10.30 -16.76 -20.52
N PRO B 67 -9.48 -16.66 -21.59
CA PRO B 67 -8.40 -15.66 -21.59
C PRO B 67 -8.83 -14.19 -21.61
N THR B 68 -9.80 -13.86 -22.48
CA THR B 68 -10.18 -12.47 -22.72
C THR B 68 -11.68 -12.31 -22.92
N GLY B 69 -12.12 -11.04 -22.94
CA GLY B 69 -13.51 -10.72 -23.22
C GLY B 69 -13.98 -11.08 -24.63
N GLU B 70 -13.10 -10.92 -25.61
CA GLU B 70 -13.39 -11.35 -26.99
C GLU B 70 -13.71 -12.85 -27.05
N VAL B 71 -12.95 -13.65 -26.31
CA VAL B 71 -13.16 -15.10 -26.25
C VAL B 71 -14.47 -15.44 -25.49
N VAL B 72 -14.77 -14.70 -24.42
CA VAL B 72 -16.03 -14.88 -23.67
C VAL B 72 -17.24 -14.47 -24.51
N ARG B 73 -17.12 -13.38 -25.26
CA ARG B 73 -18.21 -12.92 -26.12
C ARG B 73 -18.54 -13.97 -27.18
N ARG B 74 -17.50 -14.50 -27.82
CA ARG B 74 -17.68 -15.52 -28.86
C ARG B 74 -18.15 -16.85 -28.32
N CYS B 75 -17.71 -17.19 -27.12
CA CYS B 75 -18.18 -18.40 -26.43
C CYS B 75 -19.69 -18.28 -26.16
N TYR B 76 -20.09 -17.15 -25.59
CA TYR B 76 -21.49 -16.86 -25.31
C TYR B 76 -22.33 -16.89 -26.59
N THR B 77 -21.86 -16.21 -27.63
CA THR B 77 -22.55 -16.21 -28.92
C THR B 77 -22.75 -17.63 -29.47
N ASP B 78 -21.78 -18.52 -29.23
CA ASP B 78 -21.87 -19.92 -29.66
C ASP B 78 -22.83 -20.75 -28.82
N VAL B 79 -22.73 -20.64 -27.49
CA VAL B 79 -23.39 -21.61 -26.58
C VAL B 79 -24.76 -21.24 -25.99
N LEU B 80 -25.12 -19.95 -25.98
CA LEU B 80 -26.33 -19.51 -25.25
C LEU B 80 -27.63 -20.17 -25.73
N ALA B 81 -27.83 -20.25 -27.05
CA ALA B 81 -28.99 -20.93 -27.65
C ALA B 81 -29.01 -22.45 -27.38
N ALA B 82 -27.84 -23.05 -27.21
CA ALA B 82 -27.71 -24.47 -26.89
C ALA B 82 -28.12 -24.79 -25.46
N ALA B 83 -27.94 -23.84 -24.56
CA ALA B 83 -28.29 -24.04 -23.13
C ALA B 83 -29.79 -24.02 -22.92
N ARG B 84 -30.24 -24.67 -21.84
CA ARG B 84 -31.66 -24.69 -21.47
C ARG B 84 -32.04 -23.32 -20.90
N PRO B 85 -33.30 -22.89 -21.07
CA PRO B 85 -33.72 -21.60 -20.48
C PRO B 85 -33.52 -21.52 -18.97
N ALA B 86 -33.09 -20.35 -18.48
CA ALA B 86 -32.83 -20.09 -17.06
C ALA B 86 -31.66 -20.89 -16.47
N THR B 87 -30.70 -21.28 -17.31
CA THR B 87 -29.45 -21.87 -16.85
C THR B 87 -28.57 -20.72 -16.27
N LEU B 88 -27.83 -21.04 -15.21
CA LEU B 88 -26.97 -20.09 -14.54
C LEU B 88 -25.58 -20.05 -15.17
N PHE B 89 -25.21 -18.91 -15.75
CA PHE B 89 -23.88 -18.67 -16.31
C PHE B 89 -23.04 -17.90 -15.30
N ILE B 90 -21.82 -18.37 -15.07
CA ILE B 90 -20.87 -17.70 -14.19
C ILE B 90 -19.60 -17.49 -14.98
N ASP B 91 -19.24 -16.22 -15.24
CA ASP B 91 -17.96 -15.91 -15.85
C ASP B 91 -16.92 -15.57 -14.78
N SER B 92 -15.97 -16.47 -14.56
CA SER B 92 -14.85 -16.22 -13.64
C SER B 92 -13.54 -15.82 -14.35
N SER B 93 -13.63 -15.56 -15.66
CA SER B 93 -12.57 -14.90 -16.39
C SER B 93 -12.33 -13.48 -15.88
N THR B 94 -11.12 -12.99 -16.06
CA THR B 94 -10.80 -11.59 -15.80
C THR B 94 -10.91 -10.84 -17.12
N ILE B 95 -12.05 -10.17 -17.32
CA ILE B 95 -12.27 -9.31 -18.48
C ILE B 95 -12.67 -7.90 -18.01
N SER B 96 -12.82 -7.01 -18.98
CA SER B 96 -13.17 -5.64 -18.70
C SER B 96 -14.58 -5.47 -18.18
N VAL B 97 -14.83 -4.33 -17.60
CA VAL B 97 -16.12 -4.03 -17.02
C VAL B 97 -17.13 -3.75 -18.15
N THR B 98 -16.66 -3.27 -19.28
CA THR B 98 -17.44 -2.99 -20.42
C THR B 98 -17.84 -4.29 -21.07
N ASP B 99 -16.89 -5.22 -21.21
CA ASP B 99 -17.18 -6.54 -21.76
C ASP B 99 -18.11 -7.36 -20.88
N ALA B 100 -17.82 -7.39 -19.59
CA ALA B 100 -18.66 -8.09 -18.59
C ALA B 100 -20.13 -7.68 -18.67
N ARG B 101 -20.38 -6.38 -18.76
CA ARG B 101 -21.76 -5.86 -18.91
C ARG B 101 -22.39 -6.16 -20.26
N GLU B 102 -21.57 -6.21 -21.32
CA GLU B 102 -22.06 -6.65 -22.62
C GLU B 102 -22.47 -8.12 -22.57
N VAL B 103 -21.59 -8.98 -22.07
CA VAL B 103 -21.88 -10.43 -22.03
C VAL B 103 -22.96 -10.78 -21.02
N HIS B 104 -23.07 -9.99 -19.95
CA HIS B 104 -24.16 -10.13 -18.98
C HIS B 104 -25.50 -9.85 -19.64
N ALA B 105 -25.58 -8.71 -20.33
CA ALA B 105 -26.77 -8.31 -21.07
C ALA B 105 -27.15 -9.35 -22.16
N LEU B 106 -26.14 -9.89 -22.83
CA LEU B 106 -26.34 -10.92 -23.84
C LEU B 106 -26.93 -12.19 -23.22
N ALA B 107 -26.36 -12.64 -22.12
CA ALA B 107 -26.85 -13.83 -21.44
C ALA B 107 -28.31 -13.69 -20.98
N GLU B 108 -28.66 -12.55 -20.37
CA GLU B 108 -30.05 -12.26 -19.96
C GLU B 108 -31.02 -12.14 -21.13
N SER B 109 -30.54 -11.65 -22.29
CA SER B 109 -31.38 -11.56 -23.51
C SER B 109 -31.72 -12.93 -24.10
N HIS B 110 -30.89 -13.93 -23.79
CA HIS B 110 -31.16 -15.34 -24.13
C HIS B 110 -31.94 -16.09 -23.04
N GLY B 111 -32.26 -15.42 -21.95
CA GLY B 111 -33.08 -15.99 -20.85
C GLY B 111 -32.29 -16.73 -19.79
N MET B 112 -31.02 -16.36 -19.62
CA MET B 112 -30.10 -17.02 -18.69
C MET B 112 -29.75 -16.11 -17.53
N LEU B 113 -29.57 -16.70 -16.36
CA LEU B 113 -28.99 -16.00 -15.22
C LEU B 113 -27.49 -15.83 -15.50
N GLN B 114 -26.91 -14.72 -15.04
CA GLN B 114 -25.50 -14.42 -15.33
C GLN B 114 -24.84 -13.64 -14.19
N LEU B 115 -23.68 -14.13 -13.77
CA LEU B 115 -22.82 -13.47 -12.79
C LEU B 115 -21.43 -13.27 -13.39
N ASP B 116 -20.78 -12.16 -13.03
CA ASP B 116 -19.33 -12.06 -13.17
C ASP B 116 -18.75 -12.42 -11.81
N ALA B 117 -17.80 -13.35 -11.80
CA ALA B 117 -17.17 -13.83 -10.58
C ALA B 117 -15.69 -14.07 -10.78
N PRO B 118 -14.94 -13.01 -11.18
CA PRO B 118 -13.49 -13.12 -11.33
C PRO B 118 -12.82 -13.44 -10.01
N VAL B 119 -11.65 -14.06 -10.07
CA VAL B 119 -11.00 -14.61 -8.87
C VAL B 119 -9.60 -14.09 -8.68
N SER B 120 -9.15 -14.11 -7.43
CA SER B 120 -7.75 -13.92 -7.08
C SER B 120 -7.27 -15.15 -6.29
N GLY B 121 -5.98 -15.44 -6.35
CA GLY B 121 -5.41 -16.59 -5.66
C GLY B 121 -4.43 -17.39 -6.51
N GLY B 122 -4.53 -17.25 -7.83
CA GLY B 122 -3.65 -17.97 -8.75
C GLY B 122 -3.97 -19.44 -8.84
N VAL B 123 -3.07 -20.18 -9.47
CA VAL B 123 -3.23 -21.62 -9.63
C VAL B 123 -3.15 -22.37 -8.30
N LYS B 124 -2.37 -21.85 -7.36
CA LYS B 124 -2.29 -22.42 -6.02
C LYS B 124 -3.60 -22.24 -5.26
N GLY B 125 -4.17 -21.05 -5.35
CA GLY B 125 -5.49 -20.80 -4.82
C GLY B 125 -6.55 -21.71 -5.44
N ALA B 126 -6.46 -21.90 -6.75
CA ALA B 126 -7.40 -22.73 -7.49
C ALA B 126 -7.41 -24.18 -7.01
N ALA B 127 -6.23 -24.78 -6.88
CA ALA B 127 -6.09 -26.17 -6.48
C ALA B 127 -6.48 -26.44 -5.03
N ALA B 128 -6.11 -25.54 -4.13
CA ALA B 128 -6.41 -25.67 -2.68
C ALA B 128 -7.84 -25.26 -2.29
N ALA B 129 -8.61 -24.76 -3.28
CA ALA B 129 -9.98 -24.28 -3.07
C ALA B 129 -10.04 -23.08 -2.10
N THR B 130 -9.10 -22.15 -2.28
CA THR B 130 -9.00 -20.94 -1.45
C THR B 130 -9.08 -19.64 -2.24
N LEU B 131 -9.57 -19.71 -3.48
CA LEU B 131 -9.73 -18.53 -4.33
C LEU B 131 -10.73 -17.54 -3.73
N ALA B 132 -10.45 -16.26 -3.88
CA ALA B 132 -11.43 -15.21 -3.55
C ALA B 132 -12.30 -14.93 -4.78
N PHE B 133 -13.59 -15.20 -4.67
CA PHE B 133 -14.56 -14.88 -5.74
C PHE B 133 -15.17 -13.51 -5.45
N MET B 134 -15.02 -12.59 -6.41
CA MET B 134 -15.58 -11.25 -6.30
C MET B 134 -16.73 -11.15 -7.30
N VAL B 135 -17.97 -11.22 -6.81
CA VAL B 135 -19.16 -11.42 -7.65
C VAL B 135 -19.92 -10.12 -7.92
N GLY B 136 -20.46 -10.01 -9.14
CA GLY B 136 -21.40 -8.95 -9.53
C GLY B 136 -22.64 -9.56 -10.16
N GLY B 137 -23.80 -8.95 -9.92
CA GLY B 137 -25.10 -9.47 -10.40
C GLY B 137 -26.20 -9.34 -9.35
N ASP B 138 -27.26 -10.13 -9.51
CA ASP B 138 -28.38 -10.15 -8.53
C ASP B 138 -27.99 -10.93 -7.29
N GLU B 139 -28.47 -10.48 -6.13
CA GLU B 139 -28.19 -11.14 -4.85
C GLU B 139 -28.82 -12.54 -4.77
N SER B 140 -30.00 -12.71 -5.39
CA SER B 140 -30.66 -14.02 -5.44
C SER B 140 -29.91 -15.04 -6.32
N THR B 141 -29.40 -14.56 -7.45
CA THR B 141 -28.59 -15.37 -8.37
C THR B 141 -27.30 -15.89 -7.73
N LEU B 142 -26.64 -15.05 -6.93
CA LEU B 142 -25.47 -15.45 -6.14
C LEU B 142 -25.83 -16.51 -5.11
N ARG B 143 -26.99 -16.34 -4.47
CA ARG B 143 -27.49 -17.30 -3.48
C ARG B 143 -27.69 -18.69 -4.12
N ARG B 144 -28.27 -18.70 -5.32
CA ARG B 144 -28.37 -19.92 -6.12
C ARG B 144 -27.00 -20.47 -6.54
N ALA B 145 -26.04 -19.57 -6.83
CA ALA B 145 -24.69 -19.94 -7.22
C ALA B 145 -23.81 -20.52 -6.12
N ARG B 146 -24.06 -20.16 -4.86
CA ARG B 146 -23.16 -20.49 -3.75
C ARG B 146 -22.70 -21.95 -3.60
N PRO B 147 -23.63 -22.92 -3.63
CA PRO B 147 -23.21 -24.35 -3.54
C PRO B 147 -22.20 -24.79 -4.62
N VAL B 148 -22.25 -24.18 -5.80
CA VAL B 148 -21.26 -24.41 -6.85
C VAL B 148 -19.93 -23.70 -6.55
N LEU B 149 -20.00 -22.43 -6.12
CA LEU B 149 -18.80 -21.64 -5.84
C LEU B 149 -18.02 -22.09 -4.59
N GLU B 150 -18.73 -22.45 -3.52
CA GLU B 150 -18.12 -22.81 -2.24
C GLU B 150 -17.00 -23.88 -2.26
N PRO B 151 -17.16 -24.98 -3.02
CA PRO B 151 -16.08 -25.97 -3.12
C PRO B 151 -14.80 -25.53 -3.87
N MET B 152 -14.85 -24.40 -4.58
CA MET B 152 -13.67 -23.81 -5.20
C MET B 152 -13.09 -22.61 -4.41
N ALA B 153 -13.81 -22.17 -3.38
CA ALA B 153 -13.60 -20.85 -2.79
C ALA B 153 -13.19 -20.89 -1.32
N GLY B 154 -12.31 -19.97 -0.96
CA GLY B 154 -12.03 -19.63 0.42
C GLY B 154 -12.88 -18.43 0.86
N LYS B 155 -13.14 -17.52 -0.06
CA LYS B 155 -13.96 -16.33 0.18
C LYS B 155 -14.86 -16.00 -1.03
N ILE B 156 -16.12 -15.66 -0.74
CA ILE B 156 -17.10 -15.25 -1.75
C ILE B 156 -17.68 -13.91 -1.27
N ILE B 157 -17.52 -12.86 -2.09
CA ILE B 157 -17.94 -11.51 -1.71
C ILE B 157 -18.72 -10.83 -2.83
N HIS B 158 -19.91 -10.37 -2.48
CA HIS B 158 -20.83 -9.70 -3.38
C HIS B 158 -20.45 -8.23 -3.50
N CYS B 159 -20.15 -7.77 -4.71
CA CYS B 159 -19.61 -6.43 -4.96
C CYS B 159 -20.64 -5.39 -5.42
N GLY B 160 -21.71 -5.84 -6.08
CA GLY B 160 -22.75 -4.94 -6.58
C GLY B 160 -23.42 -5.52 -7.81
N ALA B 161 -23.89 -4.63 -8.70
CA ALA B 161 -24.59 -5.05 -9.93
C ALA B 161 -23.59 -5.64 -10.95
N ALA B 162 -24.12 -6.16 -12.05
CA ALA B 162 -23.31 -6.80 -13.09
C ALA B 162 -22.08 -5.97 -13.49
N GLY B 163 -20.92 -6.59 -13.42
CA GLY B 163 -19.64 -5.93 -13.65
C GLY B 163 -18.91 -5.45 -12.42
N ALA B 164 -19.56 -5.46 -11.26
CA ALA B 164 -18.96 -4.97 -10.00
C ALA B 164 -17.84 -5.87 -9.50
N GLY B 165 -17.90 -7.15 -9.82
CA GLY B 165 -16.81 -8.09 -9.55
C GLY B 165 -15.53 -7.73 -10.28
N GLN B 166 -15.69 -7.40 -11.54
CA GLN B 166 -14.61 -7.01 -12.40
C GLN B 166 -14.07 -5.66 -11.99
N ALA B 167 -14.95 -4.73 -11.61
CA ALA B 167 -14.56 -3.40 -11.13
C ALA B 167 -13.78 -3.46 -9.81
N ALA B 168 -14.26 -4.30 -8.88
CA ALA B 168 -13.61 -4.47 -7.58
C ALA B 168 -12.19 -5.03 -7.70
N LYS B 169 -12.02 -6.08 -8.50
CA LYS B 169 -10.73 -6.72 -8.70
C LYS B 169 -9.72 -5.79 -9.39
N VAL B 170 -10.16 -5.11 -10.43
CA VAL B 170 -9.28 -4.29 -11.25
C VAL B 170 -8.84 -3.01 -10.53
N CYS B 171 -9.67 -2.49 -9.63
CA CYS B 171 -9.28 -1.37 -8.76
C CYS B 171 -8.24 -1.81 -7.72
N ASN B 172 -8.43 -2.98 -7.12
CA ASN B 172 -7.50 -3.54 -6.13
C ASN B 172 -6.13 -3.85 -6.76
N ASN B 173 -6.15 -4.43 -7.96
CA ASN B 173 -4.90 -4.78 -8.65
C ASN B 173 -4.15 -3.55 -9.18
N MET B 174 -4.87 -2.49 -9.53
CA MET B 174 -4.25 -1.21 -9.87
C MET B 174 -3.47 -0.68 -8.67
N VAL B 175 -4.12 -0.70 -7.50
CA VAL B 175 -3.48 -0.28 -6.23
C VAL B 175 -2.26 -1.16 -5.94
N LEU B 176 -2.42 -2.47 -6.10
CA LEU B 176 -1.34 -3.42 -5.86
C LEU B 176 -0.11 -3.19 -6.71
N ALA B 177 -0.31 -2.90 -7.99
CA ALA B 177 0.80 -2.59 -8.91
C ALA B 177 1.57 -1.36 -8.44
N VAL B 178 0.83 -0.34 -8.07
CA VAL B 178 1.39 0.93 -7.59
C VAL B 178 2.19 0.69 -6.30
N GLN B 179 1.61 -0.09 -5.38
CA GLN B 179 2.31 -0.50 -4.15
C GLN B 179 3.61 -1.26 -4.38
N GLN B 180 3.60 -2.20 -5.33
CA GLN B 180 4.73 -3.03 -5.65
C GLN B 180 5.88 -2.28 -6.23
N ILE B 181 5.61 -1.29 -7.07
CA ILE B 181 6.63 -0.38 -7.58
C ILE B 181 7.11 0.53 -6.44
N ALA B 182 6.17 1.19 -5.77
CA ALA B 182 6.48 2.09 -4.65
C ALA B 182 7.33 1.45 -3.55
N ILE B 183 7.04 0.20 -3.21
CA ILE B 183 7.85 -0.57 -2.26
C ILE B 183 9.24 -0.87 -2.82
N ALA B 184 9.31 -1.23 -4.10
CA ALA B 184 10.60 -1.46 -4.78
C ALA B 184 11.46 -0.21 -4.79
N GLU B 185 10.84 0.94 -5.08
CA GLU B 185 11.52 2.23 -5.05
C GLU B 185 12.13 2.55 -3.69
N ALA B 186 11.37 2.28 -2.62
CA ALA B 186 11.81 2.52 -1.26
C ALA B 186 13.00 1.64 -0.86
N PHE B 187 12.93 0.34 -1.20
CA PHE B 187 14.01 -0.61 -0.89
C PHE B 187 15.33 -0.28 -1.60
N VAL B 188 15.24 0.17 -2.85
CA VAL B 188 16.41 0.60 -3.62
C VAL B 188 16.98 1.91 -3.08
N LEU B 189 16.12 2.85 -2.71
CA LEU B 189 16.55 4.12 -2.11
C LEU B 189 17.24 3.88 -0.77
N ALA B 190 16.67 3.01 0.06
CA ALA B 190 17.28 2.58 1.32
C ALA B 190 18.68 2.00 1.10
N GLU B 191 18.79 1.13 0.10
CA GLU B 191 20.07 0.56 -0.34
C GLU B 191 21.12 1.64 -0.58
N LYS B 192 20.75 2.66 -1.34
CA LYS B 192 21.66 3.76 -1.69
C LYS B 192 21.94 4.73 -0.52
N LEU B 193 21.00 4.85 0.41
CA LEU B 193 21.18 5.64 1.63
C LEU B 193 21.95 4.94 2.76
N GLY B 194 22.27 3.65 2.61
CA GLY B 194 22.94 2.88 3.64
C GLY B 194 22.00 2.31 4.73
N LEU B 195 20.70 2.33 4.47
CA LEU B 195 19.71 1.70 5.34
C LEU B 195 19.56 0.24 4.92
N SER B 196 19.68 -0.68 5.88
CA SER B 196 19.62 -2.10 5.54
C SER B 196 18.21 -2.51 5.13
N ALA B 197 18.13 -3.51 4.26
CA ALA B 197 16.85 -4.04 3.79
C ALA B 197 16.02 -4.55 4.98
N GLN B 198 16.66 -5.26 5.90
CA GLN B 198 15.98 -5.78 7.10
C GLN B 198 15.38 -4.66 7.93
N SER B 199 16.12 -3.58 8.09
CA SER B 199 15.66 -2.42 8.86
C SER B 199 14.49 -1.72 8.21
N LEU B 200 14.56 -1.48 6.90
CA LEU B 200 13.44 -0.86 6.17
C LEU B 200 12.19 -1.74 6.24
N PHE B 201 12.37 -3.05 6.12
CA PHE B 201 11.27 -4.00 6.29
C PHE B 201 10.59 -3.81 7.64
N ASP B 202 11.39 -3.89 8.72
CA ASP B 202 10.88 -3.79 10.10
C ASP B 202 10.16 -2.47 10.34
N VAL B 203 10.64 -1.40 9.74
CA VAL B 203 10.01 -0.07 9.85
C VAL B 203 8.68 -0.07 9.11
N ILE B 204 8.72 -0.29 7.80
CA ILE B 204 7.52 -0.18 6.96
C ILE B 204 6.43 -1.12 7.45
N THR B 205 6.78 -2.36 7.75
CA THR B 205 5.79 -3.36 8.21
C THR B 205 5.15 -3.05 9.57
N GLY B 206 5.88 -2.32 10.42
CA GLY B 206 5.36 -1.80 11.68
C GLY B 206 4.76 -0.40 11.63
N ALA B 207 4.72 0.21 10.44
CA ALA B 207 4.26 1.60 10.25
C ALA B 207 3.17 1.67 9.16
N THR B 208 2.86 2.90 8.74
CA THR B 208 1.73 3.18 7.84
C THR B 208 1.91 2.80 6.37
N GLY B 209 3.14 2.48 5.96
CA GLY B 209 3.41 2.03 4.59
C GLY B 209 3.27 0.52 4.39
N ASN B 210 2.88 -0.21 5.44
CA ASN B 210 2.77 -1.66 5.37
C ASN B 210 1.67 -2.09 4.41
N CYS B 211 1.95 -3.16 3.64
CA CYS B 211 1.01 -3.74 2.70
C CYS B 211 1.55 -5.08 2.20
N TRP B 212 0.69 -5.86 1.56
CA TRP B 212 1.02 -7.19 1.05
C TRP B 212 2.29 -7.20 0.19
N ALA B 213 2.49 -6.14 -0.61
CA ALA B 213 3.66 -6.01 -1.46
C ALA B 213 4.99 -6.09 -0.72
N VAL B 214 5.01 -5.72 0.57
CA VAL B 214 6.20 -5.82 1.40
C VAL B 214 6.14 -6.98 2.39
N HIS B 215 5.06 -7.15 3.15
CA HIS B 215 5.03 -8.20 4.18
C HIS B 215 5.03 -9.63 3.65
N THR B 216 4.35 -9.84 2.53
CA THR B 216 4.29 -11.15 1.89
C THR B 216 5.21 -11.26 0.66
N ASN B 217 5.23 -10.22 -0.18
CA ASN B 217 5.88 -10.28 -1.49
C ASN B 217 7.16 -9.41 -1.54
N CYS B 218 7.93 -9.41 -0.45
CA CYS B 218 9.11 -8.53 -0.29
C CYS B 218 10.10 -8.65 -1.49
N PRO B 219 10.30 -7.53 -2.24
CA PRO B 219 11.10 -7.58 -3.48
C PRO B 219 12.62 -7.73 -3.33
N VAL B 220 13.15 -7.68 -2.10
CA VAL B 220 14.57 -7.99 -1.84
C VAL B 220 14.65 -9.27 -1.02
N PRO B 221 15.67 -10.11 -1.30
CA PRO B 221 15.76 -11.39 -0.61
C PRO B 221 16.25 -11.21 0.83
N GLY B 222 15.68 -12.00 1.75
CA GLY B 222 16.11 -12.03 3.15
C GLY B 222 14.96 -11.84 4.14
N PRO B 223 14.34 -10.65 4.16
CA PRO B 223 13.26 -10.34 5.10
C PRO B 223 12.03 -11.26 5.10
N VAL B 224 11.69 -11.82 3.95
CA VAL B 224 10.56 -12.78 3.83
C VAL B 224 11.02 -13.96 2.95
N PRO B 225 11.59 -15.02 3.57
CA PRO B 225 12.17 -16.15 2.82
C PRO B 225 11.23 -16.83 1.81
N THR B 226 9.92 -16.77 2.05
CA THR B 226 8.91 -17.34 1.17
C THR B 226 8.60 -16.48 -0.08
N SER B 227 8.99 -15.20 -0.08
CA SER B 227 8.67 -14.30 -1.19
C SER B 227 9.46 -14.67 -2.45
N PRO B 228 8.94 -14.31 -3.65
CA PRO B 228 9.61 -14.61 -4.93
C PRO B 228 11.06 -14.11 -5.10
N ALA B 229 11.45 -13.05 -4.39
CA ALA B 229 12.83 -12.55 -4.42
C ALA B 229 13.86 -13.58 -3.97
N ASN B 230 13.44 -14.48 -3.08
CA ASN B 230 14.30 -15.58 -2.61
C ASN B 230 14.34 -16.85 -3.50
N ASN B 231 13.59 -16.84 -4.61
N ASN B 231 13.62 -16.81 -4.62
CA ASN B 231 13.50 -17.98 -5.51
CA ASN B 231 13.46 -17.95 -5.51
C ASN B 231 13.59 -17.52 -6.96
C ASN B 231 13.58 -17.52 -6.97
N ASP B 232 14.54 -16.63 -7.24
CA ASP B 232 14.79 -16.10 -8.60
C ASP B 232 13.60 -15.41 -9.29
N PHE B 233 12.71 -14.84 -8.50
CA PHE B 233 11.47 -14.21 -8.99
C PHE B 233 10.55 -15.14 -9.81
N LYS B 234 10.46 -16.40 -9.42
CA LYS B 234 9.50 -17.34 -10.00
C LYS B 234 8.09 -16.98 -9.50
N PRO B 235 7.12 -16.79 -10.42
CA PRO B 235 5.74 -16.53 -9.97
C PRO B 235 5.14 -17.75 -9.23
N GLY B 236 4.26 -17.55 -8.23
CA GLY B 236 3.79 -16.25 -7.75
C GLY B 236 2.72 -15.61 -8.64
N PHE B 237 2.81 -14.30 -8.82
CA PHE B 237 1.92 -13.54 -9.67
C PHE B 237 2.81 -12.97 -10.78
N SER B 238 2.65 -13.46 -11.99
CA SER B 238 3.54 -13.08 -13.11
C SER B 238 3.35 -11.63 -13.56
N THR B 239 4.38 -11.09 -14.20
CA THR B 239 4.34 -9.77 -14.83
C THR B 239 3.34 -9.76 -15.99
N ALA B 240 3.28 -10.85 -16.75
CA ALA B 240 2.31 -11.01 -17.83
C ALA B 240 0.89 -10.79 -17.32
N LEU B 241 0.55 -11.42 -16.19
CA LEU B 241 -0.79 -11.33 -15.62
C LEU B 241 -1.09 -9.93 -15.05
N MET B 242 -0.13 -9.33 -14.36
CA MET B 242 -0.30 -7.99 -13.82
C MET B 242 -0.44 -6.96 -14.92
N ASN B 243 0.31 -7.14 -16.01
CA ASN B 243 0.21 -6.27 -17.18
C ASN B 243 -1.17 -6.37 -17.84
N LYS B 244 -1.71 -7.58 -17.88
CA LYS B 244 -3.05 -7.81 -18.40
C LYS B 244 -4.11 -7.09 -17.56
N ASP B 245 -4.02 -7.25 -16.23
CA ASP B 245 -4.95 -6.59 -15.31
C ASP B 245 -4.85 -5.08 -15.39
N LEU B 246 -3.63 -4.56 -15.52
CA LEU B 246 -3.41 -3.12 -15.67
C LEU B 246 -3.91 -2.56 -17.01
N GLY B 247 -3.85 -3.38 -18.06
CA GLY B 247 -4.51 -3.06 -19.33
C GLY B 247 -6.02 -2.90 -19.17
N LEU B 248 -6.65 -3.79 -18.40
CA LEU B 248 -8.08 -3.70 -18.08
C LEU B 248 -8.42 -2.54 -17.15
N ALA B 249 -7.49 -2.21 -16.27
CA ALA B 249 -7.61 -1.00 -15.44
C ALA B 249 -7.58 0.25 -16.32
N MET B 250 -6.64 0.30 -17.27
CA MET B 250 -6.57 1.42 -18.23
C MET B 250 -7.78 1.49 -19.16
N ASP B 251 -8.35 0.33 -19.51
CA ASP B 251 -9.61 0.28 -20.25
C ASP B 251 -10.74 0.90 -19.47
N ALA B 252 -10.83 0.52 -18.19
CA ALA B 252 -11.85 1.06 -17.28
C ALA B 252 -11.71 2.59 -17.11
N VAL B 253 -10.48 3.05 -16.96
CA VAL B 253 -10.18 4.48 -16.84
C VAL B 253 -10.55 5.23 -18.14
N ALA B 254 -10.19 4.66 -19.29
CA ALA B 254 -10.52 5.25 -20.58
C ALA B 254 -12.04 5.26 -20.81
N ALA B 255 -12.70 4.15 -20.48
CA ALA B 255 -14.15 4.05 -20.63
C ALA B 255 -14.89 5.06 -19.75
N THR B 256 -14.47 5.21 -18.50
CA THR B 256 -15.11 6.12 -17.56
C THR B 256 -14.68 7.60 -17.69
N GLY B 257 -13.53 7.85 -18.31
CA GLY B 257 -12.96 9.19 -18.35
C GLY B 257 -12.32 9.61 -17.03
N ALA B 258 -11.95 8.63 -16.20
CA ALA B 258 -11.33 8.90 -14.91
C ALA B 258 -9.89 9.38 -15.11
N THR B 259 -9.31 9.90 -14.03
CA THR B 259 -7.89 10.26 -14.03
C THR B 259 -7.22 9.47 -12.92
N ALA B 260 -6.24 8.64 -13.29
CA ALA B 260 -5.46 7.83 -12.36
C ALA B 260 -3.96 7.96 -12.71
N PRO B 261 -3.31 9.06 -12.28
CA PRO B 261 -1.90 9.32 -12.56
C PRO B 261 -0.94 8.17 -12.25
N LEU B 262 -0.92 7.72 -11.01
CA LEU B 262 0.04 6.70 -10.56
C LEU B 262 -0.31 5.30 -11.10
N GLY B 263 -1.61 5.01 -11.21
CA GLY B 263 -2.07 3.78 -11.83
C GLY B 263 -1.70 3.67 -13.29
N SER B 264 -1.79 4.78 -14.02
CA SER B 264 -1.37 4.86 -15.42
C SER B 264 0.15 4.81 -15.59
N HIS B 265 0.88 5.46 -14.68
CA HIS B 265 2.35 5.37 -14.65
C HIS B 265 2.78 3.90 -14.38
N ALA B 266 2.11 3.25 -13.44
CA ALA B 266 2.35 1.85 -13.13
C ALA B 266 2.02 0.93 -14.32
N ALA B 267 0.95 1.27 -15.06
CA ALA B 267 0.61 0.57 -16.30
C ALA B 267 1.67 0.72 -17.38
N ASP B 268 2.23 1.92 -17.52
CA ASP B 268 3.31 2.17 -18.49
C ASP B 268 4.59 1.44 -18.11
N ILE B 269 4.93 1.44 -16.82
CA ILE B 269 6.12 0.75 -16.28
C ILE B 269 6.02 -0.76 -16.55
N TYR B 270 4.92 -1.37 -16.11
CA TYR B 270 4.71 -2.81 -16.28
C TYR B 270 4.57 -3.28 -17.73
N ALA B 271 4.05 -2.41 -18.59
CA ALA B 271 3.96 -2.71 -20.03
C ALA B 271 5.34 -2.87 -20.65
N LYS B 272 6.26 -1.97 -20.28
CA LYS B 272 7.66 -2.06 -20.73
C LYS B 272 8.38 -3.25 -20.12
N PHE B 273 8.19 -3.45 -18.82
CA PHE B 273 8.79 -4.58 -18.10
C PHE B 273 8.31 -5.94 -18.61
N ALA B 274 7.04 -6.04 -19.00
CA ALA B 274 6.46 -7.26 -19.55
C ALA B 274 7.07 -7.68 -20.87
N ALA B 275 7.47 -6.71 -21.69
CA ALA B 275 8.11 -6.96 -22.99
C ALA B 275 9.27 -7.95 -22.88
N ASP B 276 10.17 -7.68 -21.94
CA ASP B 276 11.34 -8.56 -21.72
C ASP B 276 11.20 -9.54 -20.56
N HIS B 277 10.39 -9.22 -19.54
CA HIS B 277 10.34 -10.00 -18.29
C HIS B 277 8.93 -10.47 -17.91
N ALA B 278 8.12 -10.85 -18.91
CA ALA B 278 6.74 -11.34 -18.67
C ALA B 278 6.68 -12.58 -17.78
N ASP B 279 7.68 -13.46 -17.88
CA ASP B 279 7.70 -14.74 -17.15
C ASP B 279 8.10 -14.61 -15.67
N LEU B 280 8.66 -13.47 -15.26
CA LEU B 280 9.04 -13.23 -13.86
C LEU B 280 7.88 -12.70 -13.03
N ASP B 281 8.01 -12.82 -11.71
CA ASP B 281 7.03 -12.28 -10.76
C ASP B 281 7.00 -10.74 -10.88
N PHE B 282 5.84 -10.14 -10.67
CA PHE B 282 5.69 -8.68 -10.81
C PHE B 282 6.48 -7.87 -9.78
N SER B 283 6.90 -8.51 -8.67
CA SER B 283 7.86 -7.90 -7.74
C SER B 283 9.25 -7.63 -8.35
N ALA B 284 9.59 -8.35 -9.41
CA ALA B 284 10.86 -8.17 -10.13
C ALA B 284 11.03 -6.82 -10.83
N VAL B 285 9.97 -6.01 -10.95
CA VAL B 285 10.07 -4.64 -11.46
C VAL B 285 11.19 -3.84 -10.79
N ILE B 286 11.49 -4.17 -9.54
CA ILE B 286 12.67 -3.65 -8.80
C ILE B 286 13.98 -3.65 -9.60
N HIS B 287 14.16 -4.60 -10.51
CA HIS B 287 15.33 -4.65 -11.41
C HIS B 287 15.46 -3.44 -12.34
N THR B 288 14.34 -2.81 -12.69
CA THR B 288 14.35 -1.60 -13.53
C THR B 288 14.93 -0.38 -12.79
N LEU B 289 14.97 -0.45 -11.45
CA LEU B 289 15.41 0.67 -10.61
C LEU B 289 16.88 0.67 -10.19
N ARG B 290 17.67 -0.31 -10.66
CA ARG B 290 19.10 -0.42 -10.33
C ARG B 290 19.97 -0.19 -11.55
N ALA B 291 20.88 0.79 -11.47
CA ALA B 291 21.81 1.12 -12.55
C ALA B 291 22.97 0.12 -12.71
PA NAD C . 7.15 24.36 14.75
O1A NAD C . 7.49 25.36 13.68
O2A NAD C . 5.80 24.38 15.44
O5B NAD C . 8.26 24.44 15.90
C5B NAD C . 9.66 24.65 15.68
C4B NAD C . 10.15 25.62 16.73
O4B NAD C . 11.56 25.74 16.69
C3B NAD C . 9.57 27.03 16.55
O3B NAD C . 8.85 27.43 17.73
C2B NAD C . 10.76 27.92 16.29
O2B NAD C . 10.62 29.23 16.86
C1B NAD C . 11.89 27.11 16.95
N9A NAD C . 13.29 27.46 16.55
C8A NAD C . 13.73 27.99 15.39
N7A NAD C . 15.08 28.15 15.43
C5A NAD C . 15.51 27.72 16.64
C6A NAD C . 16.82 27.60 17.35
N6A NAD C . 17.98 27.98 16.75
N1A NAD C . 16.82 27.09 18.61
C2A NAD C . 15.68 26.69 19.22
N3A NAD C . 14.47 26.77 18.62
C4A NAD C . 14.33 27.26 17.36
O3 NAD C . 7.40 22.89 14.14
PN NAD C . 6.97 21.51 14.86
O1N NAD C . 7.32 21.59 16.33
O2N NAD C . 5.57 21.17 14.41
O5D NAD C . 7.97 20.43 14.19
C5D NAD C . 9.39 20.63 14.11
C4D NAD C . 10.05 19.46 13.36
O4D NAD C . 9.37 18.26 13.64
C3D NAD C . 10.03 19.63 11.83
O3D NAD C . 11.30 19.25 11.28
C2D NAD C . 8.89 18.72 11.36
O2D NAD C . 9.11 18.19 10.05
C1D NAD C . 8.90 17.63 12.43
N1N NAD C . 7.62 16.94 12.69
C2N NAD C . 6.47 17.63 12.80
C3N NAD C . 5.24 16.98 13.05
C7N NAD C . 3.94 17.75 13.17
O7N NAD C . 2.92 17.16 12.89
N7N NAD C . 3.90 19.02 13.56
C4N NAD C . 5.26 15.58 13.19
C5N NAD C . 6.46 14.89 13.08
C6N NAD C . 7.64 15.60 12.84
N SER D . 5.19 11.26 10.13
CA SER D . 5.21 12.68 10.50
C SER D . 3.81 12.91 11.02
O SER D . 3.23 11.83 11.32
CB SER D . 5.54 13.53 9.27
OG SER D . 5.96 14.83 9.60
OXT SER D . 3.30 14.03 11.11
N SER E . 0.65 10.23 10.65
CA SER E . 0.71 8.75 10.75
C SER E . 0.11 8.21 12.08
O SER E . -0.15 7.00 12.22
CB SER E . 2.15 8.31 10.60
OG SER E . 2.68 8.93 9.45
OXT SER E . -0.16 8.98 12.99
C1 GOL F . 26.61 13.34 32.01
O1 GOL F . 26.94 11.96 31.87
C2 GOL F . 27.28 14.13 30.89
O2 GOL F . 28.66 13.80 30.80
C3 GOL F . 27.13 15.64 31.14
O3 GOL F . 26.67 16.28 29.95
C1 GOL G . 11.26 20.77 35.49
O1 GOL G . 11.96 21.42 34.43
C2 GOL G . 11.68 21.37 36.82
O2 GOL G . 13.11 21.53 36.89
C3 GOL G . 11.19 20.51 37.98
O3 GOL G . 11.92 20.79 39.20
CA AKR H . 5.39 12.71 -14.39
CB AKR H . 6.18 11.87 -13.76
C AKR H . 4.83 13.92 -13.71
O AKR H . 5.08 14.20 -12.52
OXT AKR H . 4.12 14.69 -14.37
O12 9ON I . 9.29 -0.10 24.86
C7 9ON I . 8.46 0.75 24.50
O10 9ON I . 7.36 0.52 23.97
C4 9ON I . 8.86 2.22 24.71
C5 9ON I . 8.71 2.98 23.39
C3 9ON I . 8.07 2.89 25.85
C2 9ON I . 6.56 2.99 25.61
C1 9ON I . 5.85 3.86 26.65
O8 9ON I . 4.60 3.84 26.64
O9 9ON I . 6.56 4.55 27.44
PA NAD J . -5.30 -20.35 -19.73
O1A NAD J . -4.94 -19.70 -21.04
O2A NAD J . -4.37 -21.31 -19.01
O5B NAD J . -6.70 -21.10 -19.98
C5B NAD J . -7.71 -20.61 -20.85
C4B NAD J . -8.31 -21.83 -21.54
O4B NAD J . -9.50 -21.47 -22.24
C3B NAD J . -7.36 -22.43 -22.55
O3B NAD J . -7.11 -23.80 -22.24
C2B NAD J . -8.07 -22.29 -23.88
O2B NAD J . -7.80 -23.39 -24.77
C1B NAD J . -9.53 -22.23 -23.45
N9A NAD J . -10.50 -21.69 -24.42
C8A NAD J . -10.34 -20.71 -25.35
N7A NAD J . -11.50 -20.51 -26.04
C5A NAD J . -12.42 -21.37 -25.55
C6A NAD J . -13.85 -21.69 -25.81
N6A NAD J . -14.57 -21.04 -26.75
N1A NAD J . -14.42 -22.67 -25.06
C2A NAD J . -13.76 -23.33 -24.09
N3A NAD J . -12.47 -23.08 -23.80
C4A NAD J . -11.76 -22.13 -24.47
O3 NAD J . -5.72 -19.18 -18.71
PN NAD J . -5.82 -19.42 -17.11
O1N NAD J . -4.45 -19.26 -16.50
O2N NAD J . -6.66 -20.64 -16.82
O5D NAD J . -6.68 -18.13 -16.69
C5D NAD J . -7.99 -17.94 -17.19
C4D NAD J . -8.52 -16.60 -16.67
O4D NAD J . -8.28 -16.50 -15.26
C3D NAD J . -7.86 -15.40 -17.34
O3D NAD J . -8.84 -14.45 -17.74
C2D NAD J . -6.93 -14.85 -16.26
O2D NAD J . -6.77 -13.42 -16.33
C1D NAD J . -7.61 -15.28 -14.96
N1N NAD J . -6.73 -15.43 -13.80
C2N NAD J . -5.58 -16.15 -13.86
C3N NAD J . -4.74 -16.30 -12.75
C7N NAD J . -3.48 -17.10 -12.82
O7N NAD J . -2.54 -16.76 -12.07
N7N NAD J . -3.35 -18.14 -13.65
C4N NAD J . -5.10 -15.67 -11.55
C5N NAD J . -6.28 -14.93 -11.49
C6N NAD J . -7.08 -14.82 -12.63
N SER K . -4.46 -13.93 -4.39
CA SER K . -3.25 -13.13 -4.07
C SER K . -2.23 -13.24 -5.20
O SER K . -1.67 -14.33 -5.40
CB SER K . -2.63 -13.64 -2.77
OG SER K . -3.40 -14.65 -2.18
OXT SER K . -2.00 -12.23 -5.88
CA AKR L . -11.36 -4.62 -24.20
CB AKR L . -10.54 -5.10 -23.27
C AKR L . -12.56 -3.81 -23.86
O AKR L . -12.82 -3.49 -22.69
OXT AKR L . -13.34 -3.46 -24.79
#